data_4FZR
#
_entry.id   4FZR
#
_cell.length_a   82.605
_cell.length_b   82.605
_cell.length_c   230.516
_cell.angle_alpha   90.000
_cell.angle_beta   90.000
_cell.angle_gamma   120.000
#
_symmetry.space_group_name_H-M   'P 61 2 2'
#
loop_
_entity.id
_entity.type
_entity.pdbx_description
1 polymer SsfS6
2 water water
#
_entity_poly.entity_id   1
_entity_poly.type   'polypeptide(L)'
_entity_poly.pdbx_seq_one_letter_code
;HHHHHHSSGVPRGSH(MSE)RILVIAGCSEGFV(MSE)PLVPLSWALRAAGHEVLVAASEN(MSE)GPTVTGAGLPFAPT
CPSLD(MSE)PEVLSWDREGNRTT(MSE)PREEKPLLEHIGRGYGRLVLR(MSE)RDEALALAERWKPDLVLTETYSLTG
PLVAATLGIPWIEQSIRLASPELIKSAGVGELAPELAELGLTDFPDPLLSIDVCPPS(MSE)EAQPKPGTTK(MSE)RYV
PYNGRNDQVPSWVFEERKQPRLCLTFGTRVPLPNTNTIPGGLSLLQALSQELPKLGFEVVVAVSDKLAQTLQPLPEGVLA
AGQFPLSAI(MSE)PACDVVVHHGGHGTTLTCLSEGVPQVSVPVIAEVWDSARLLHAAGAGVEVPWEQAGVESVLAACAR
IRDDSSYVGNARRLAAE(MSE)ATLPTPADIVRLIEQA
;
_entity_poly.pdbx_strand_id   A
#
# COMPACT_ATOMS: atom_id res chain seq x y z
N HIS A 15 -28.09 -3.59 -4.12
CA HIS A 15 -27.29 -3.70 -5.33
C HIS A 15 -26.72 -2.33 -5.69
N ARG A 17 -23.26 0.00 -7.79
CA ARG A 17 -22.25 0.03 -8.84
C ARG A 17 -21.09 0.89 -8.34
N ILE A 18 -19.96 0.25 -8.05
CA ILE A 18 -18.81 0.97 -7.48
C ILE A 18 -17.64 1.01 -8.43
N LEU A 19 -17.24 2.23 -8.79
CA LEU A 19 -16.03 2.44 -9.57
C LEU A 19 -14.84 2.63 -8.63
N VAL A 20 -13.90 1.68 -8.67
CA VAL A 20 -12.68 1.77 -7.88
C VAL A 20 -11.60 2.48 -8.68
N ILE A 21 -11.22 3.67 -8.24
CA ILE A 21 -10.23 4.46 -8.97
C ILE A 21 -8.86 4.36 -8.30
N ALA A 22 -7.94 3.68 -8.98
CA ALA A 22 -6.64 3.32 -8.40
C ALA A 22 -5.48 4.05 -9.07
N GLY A 23 -4.27 3.75 -8.61
CA GLY A 23 -3.07 4.46 -9.04
C GLY A 23 -2.35 3.90 -10.26
N CYS A 24 -1.04 4.09 -10.29
CA CYS A 24 -0.24 3.66 -11.44
C CYS A 24 0.88 2.70 -11.06
N SER A 25 0.93 2.33 -9.78
CA SER A 25 1.89 1.33 -9.32
C SER A 25 1.20 0.27 -8.48
N GLU A 26 1.81 -0.91 -8.40
CA GLU A 26 1.20 -2.06 -7.74
C GLU A 26 0.91 -1.83 -6.27
N GLY A 27 1.78 -1.09 -5.58
CA GLY A 27 1.64 -0.86 -4.17
C GLY A 27 0.44 0.01 -3.84
N PHE A 28 -0.09 0.70 -4.85
CA PHE A 28 -1.25 1.57 -4.67
C PHE A 28 -2.53 0.93 -5.19
N VAL A 29 -2.39 -0.20 -5.89
CA VAL A 29 -3.55 -0.87 -6.46
C VAL A 29 -3.94 -2.09 -5.63
N PRO A 31 -3.62 -3.02 -2.54
CA PRO A 31 -4.27 -2.91 -1.23
C PRO A 31 -5.78 -2.63 -1.30
N LEU A 32 -6.28 -2.25 -2.48
CA LEU A 32 -7.70 -2.02 -2.66
C LEU A 32 -8.43 -3.28 -3.09
N VAL A 33 -7.68 -4.34 -3.37
CA VAL A 33 -8.26 -5.57 -3.90
C VAL A 33 -9.22 -6.25 -2.92
N PRO A 34 -8.83 -6.37 -1.64
CA PRO A 34 -9.73 -7.09 -0.72
C PRO A 34 -11.06 -6.38 -0.46
N LEU A 35 -11.05 -5.05 -0.38
CA LEU A 35 -12.30 -4.31 -0.22
C LEU A 35 -13.16 -4.42 -1.48
N SER A 36 -12.49 -4.42 -2.64
CA SER A 36 -13.16 -4.53 -3.92
C SER A 36 -13.87 -5.87 -4.06
N TRP A 37 -13.22 -6.93 -3.61
CA TRP A 37 -13.82 -8.26 -3.64
C TRP A 37 -14.88 -8.43 -2.56
N ALA A 38 -14.75 -7.68 -1.47
CA ALA A 38 -15.73 -7.71 -0.40
C ALA A 38 -17.05 -7.13 -0.91
N LEU A 39 -16.93 -6.07 -1.72
CA LEU A 39 -18.11 -5.48 -2.35
C LEU A 39 -18.74 -6.45 -3.33
N ARG A 40 -17.92 -7.05 -4.17
CA ARG A 40 -18.39 -7.99 -5.17
C ARG A 40 -19.04 -9.20 -4.50
N ALA A 41 -18.47 -9.63 -3.37
CA ALA A 41 -19.02 -10.76 -2.63
C ALA A 41 -20.39 -10.42 -2.06
N ALA A 42 -20.61 -9.14 -1.82
CA ALA A 42 -21.90 -8.67 -1.29
C ALA A 42 -22.86 -8.32 -2.42
N GLY A 43 -22.60 -8.83 -3.61
CA GLY A 43 -23.54 -8.72 -4.72
C GLY A 43 -23.42 -7.46 -5.53
N HIS A 44 -22.49 -6.58 -5.17
CA HIS A 44 -22.34 -5.29 -5.86
C HIS A 44 -21.51 -5.44 -7.13
N GLU A 45 -21.61 -4.45 -8.00
CA GLU A 45 -20.87 -4.47 -9.26
C GLU A 45 -19.63 -3.58 -9.15
N VAL A 46 -18.48 -4.10 -9.55
CA VAL A 46 -17.22 -3.39 -9.36
C VAL A 46 -16.42 -3.26 -10.66
N LEU A 47 -15.84 -2.09 -10.87
CA LEU A 47 -14.93 -1.87 -11.99
C LEU A 47 -13.72 -1.09 -11.49
N VAL A 48 -12.54 -1.67 -11.61
CA VAL A 48 -11.32 -1.01 -11.16
C VAL A 48 -10.70 -0.24 -12.32
N ALA A 49 -10.57 1.07 -12.15
CA ALA A 49 -10.03 1.93 -13.19
C ALA A 49 -8.65 2.44 -12.78
N ALA A 50 -7.66 2.25 -13.67
CA ALA A 50 -6.29 2.64 -13.38
C ALA A 50 -5.49 2.79 -14.66
N SER A 51 -4.21 3.12 -14.54
CA SER A 51 -3.34 3.28 -15.71
C SER A 51 -3.20 1.95 -16.45
N GLU A 52 -3.00 2.03 -17.77
CA GLU A 52 -2.93 0.86 -18.63
C GLU A 52 -2.01 -0.23 -18.08
N ASN A 53 -0.89 0.20 -17.49
CA ASN A 53 0.12 -0.74 -17.01
C ASN A 53 -0.27 -1.49 -15.74
N GLY A 55 -3.24 -2.94 -15.64
CA GLY A 55 -4.21 -3.90 -16.15
C GLY A 55 -4.00 -5.32 -15.63
N PRO A 56 -2.80 -5.88 -15.84
CA PRO A 56 -2.48 -7.25 -15.43
C PRO A 56 -2.59 -7.47 -13.92
N THR A 57 -2.26 -6.45 -13.13
CA THR A 57 -2.35 -6.55 -11.69
C THR A 57 -3.81 -6.63 -11.26
N VAL A 58 -4.66 -5.83 -11.90
CA VAL A 58 -6.08 -5.79 -11.57
C VAL A 58 -6.77 -7.08 -11.96
N THR A 59 -6.52 -7.55 -13.19
CA THR A 59 -7.16 -8.76 -13.67
C THR A 59 -6.56 -9.99 -13.01
N GLY A 60 -5.29 -9.87 -12.62
CA GLY A 60 -4.61 -10.95 -11.92
C GLY A 60 -5.15 -11.15 -10.51
N ALA A 61 -5.86 -10.14 -10.01
CA ALA A 61 -6.54 -10.23 -8.72
C ALA A 61 -7.99 -10.71 -8.91
N GLY A 62 -8.35 -11.00 -10.16
CA GLY A 62 -9.67 -11.53 -10.47
C GLY A 62 -10.72 -10.44 -10.60
N LEU A 63 -10.29 -9.22 -10.87
CA LEU A 63 -11.21 -8.08 -10.92
C LEU A 63 -11.31 -7.47 -12.32
N PRO A 64 -12.48 -6.88 -12.64
CA PRO A 64 -12.67 -6.18 -13.92
C PRO A 64 -11.82 -4.92 -14.03
N PHE A 65 -11.27 -4.66 -15.21
CA PHE A 65 -10.33 -3.55 -15.40
C PHE A 65 -10.70 -2.63 -16.56
N ALA A 66 -10.42 -1.34 -16.40
CA ALA A 66 -10.58 -0.35 -17.47
C ALA A 66 -9.49 0.71 -17.33
N PRO A 67 -8.82 1.04 -18.45
CA PRO A 67 -7.68 1.96 -18.39
C PRO A 67 -8.10 3.43 -18.39
N THR A 68 -7.42 4.26 -17.59
CA THR A 68 -7.76 5.68 -17.50
C THR A 68 -6.66 6.56 -18.10
N CYS A 69 -5.54 5.95 -18.47
CA CYS A 69 -4.46 6.66 -19.14
C CYS A 69 -3.43 5.63 -19.59
N PRO A 70 -2.56 6.02 -20.55
CA PRO A 70 -1.51 5.11 -21.00
C PRO A 70 -0.56 4.72 -19.87
N SER A 71 0.31 3.75 -20.12
CA SER A 71 1.26 3.30 -19.10
C SER A 71 2.01 4.47 -18.46
N LEU A 72 2.25 4.39 -17.14
CA LEU A 72 2.78 5.50 -16.37
C LEU A 72 3.51 5.03 -15.13
N ASP A 73 4.52 5.79 -14.71
CA ASP A 73 5.13 5.58 -13.41
C ASP A 73 5.20 6.93 -12.73
N PRO A 75 7.58 8.74 -11.04
CA PRO A 75 8.66 9.69 -11.34
C PRO A 75 8.34 10.54 -12.55
N GLU A 76 7.81 9.90 -13.58
CA GLU A 76 7.36 10.58 -14.78
C GLU A 76 6.59 11.86 -14.48
N VAL A 77 5.73 11.79 -13.47
CA VAL A 77 4.78 12.89 -13.19
C VAL A 77 5.25 13.71 -12.00
N LEU A 78 6.12 13.13 -11.19
CA LEU A 78 6.67 13.80 -10.03
C LEU A 78 7.77 14.79 -10.42
N SER A 79 8.44 14.51 -11.54
CA SER A 79 9.66 15.23 -11.93
C SER A 79 9.41 16.44 -12.83
N TRP A 80 8.17 16.62 -13.28
CA TRP A 80 7.82 17.81 -14.07
C TRP A 80 6.55 18.46 -13.54
N ASP A 81 6.61 19.78 -13.36
CA ASP A 81 5.44 20.52 -12.88
C ASP A 81 4.50 20.89 -14.03
N ARG A 82 3.40 21.56 -13.69
CA ARG A 82 2.36 21.83 -14.66
C ARG A 82 2.79 22.75 -15.80
N GLU A 83 3.85 23.52 -15.58
CA GLU A 83 4.34 24.44 -16.59
C GLU A 83 5.29 23.75 -17.58
N GLY A 84 5.62 22.50 -17.29
CA GLY A 84 6.54 21.75 -18.12
C GLY A 84 7.97 21.96 -17.69
N ASN A 85 8.15 22.46 -16.47
CA ASN A 85 9.48 22.70 -15.93
C ASN A 85 9.91 21.58 -15.01
N ARG A 86 11.17 21.16 -15.15
CA ARG A 86 11.72 20.11 -14.29
C ARG A 86 11.68 20.55 -12.83
N THR A 87 11.49 19.58 -11.94
CA THR A 87 11.49 19.84 -10.50
C THR A 87 12.52 18.96 -9.82
N THR A 88 12.84 19.30 -8.58
CA THR A 88 13.86 18.56 -7.84
C THR A 88 13.37 18.21 -6.43
N PRO A 90 13.21 18.28 -2.65
CA PRO A 90 13.64 19.01 -1.46
C PRO A 90 14.30 18.06 -0.48
N ARG A 91 15.31 18.51 0.25
CA ARG A 91 16.00 17.63 1.18
C ARG A 91 15.34 17.66 2.55
N GLU A 92 14.80 18.82 2.92
CA GLU A 92 14.02 18.94 4.15
C GLU A 92 12.73 18.17 3.99
N GLU A 93 12.27 17.54 5.07
CA GLU A 93 11.14 16.63 5.01
C GLU A 93 9.82 17.29 4.64
N LYS A 94 9.56 18.47 5.21
CA LYS A 94 8.25 19.10 5.04
C LYS A 94 7.98 19.54 3.61
N PRO A 95 8.87 20.35 3.03
CA PRO A 95 8.63 20.77 1.64
C PRO A 95 8.73 19.59 0.68
N LEU A 96 9.35 18.50 1.13
CA LEU A 96 9.44 17.27 0.35
C LEU A 96 8.07 16.59 0.32
N LEU A 97 7.36 16.65 1.45
CA LEU A 97 6.01 16.12 1.54
C LEU A 97 5.07 16.85 0.59
N GLU A 98 5.20 18.16 0.51
CA GLU A 98 4.37 18.96 -0.38
C GLU A 98 4.73 18.68 -1.83
N HIS A 99 6.02 18.48 -2.09
CA HIS A 99 6.50 18.13 -3.41
C HIS A 99 5.81 16.86 -3.90
N ILE A 100 5.84 15.83 -3.05
CA ILE A 100 5.15 14.57 -3.32
C ILE A 100 3.66 14.79 -3.58
N GLY A 101 3.03 15.59 -2.71
CA GLY A 101 1.61 15.87 -2.83
C GLY A 101 1.23 16.47 -4.16
N ARG A 102 2.04 17.38 -4.67
CA ARG A 102 1.76 18.03 -5.94
C ARG A 102 1.89 17.03 -7.08
N GLY A 103 2.82 16.08 -6.94
CA GLY A 103 2.94 15.00 -7.89
C GLY A 103 1.63 14.24 -8.03
N TYR A 104 1.12 13.76 -6.90
CA TYR A 104 -0.16 13.06 -6.89
C TYR A 104 -1.29 13.91 -7.47
N GLY A 105 -1.15 15.22 -7.33
CA GLY A 105 -2.13 16.14 -7.89
C GLY A 105 -2.06 16.17 -9.41
N ARG A 106 -0.85 16.05 -9.93
CA ARG A 106 -0.65 16.11 -11.37
C ARG A 106 -0.95 14.76 -12.03
N LEU A 107 -0.91 13.70 -11.23
CA LEU A 107 -1.30 12.37 -11.71
C LEU A 107 -2.78 12.40 -12.11
N VAL A 108 -3.55 13.19 -11.37
CA VAL A 108 -4.98 13.33 -11.64
C VAL A 108 -5.23 13.88 -13.04
N LEU A 109 -4.37 14.80 -13.47
CA LEU A 109 -4.52 15.47 -14.77
C LEU A 109 -4.33 14.49 -15.93
N ARG A 110 -3.55 13.44 -15.70
CA ARG A 110 -3.35 12.42 -16.72
C ARG A 110 -4.54 11.46 -16.81
N ARG A 112 -8.02 12.11 -15.36
CA ARG A 112 -9.39 12.57 -15.14
C ARG A 112 -10.29 12.48 -16.39
N ASP A 113 -9.75 12.78 -17.56
CA ASP A 113 -10.56 12.76 -18.78
C ASP A 113 -11.19 11.39 -19.03
N GLU A 114 -10.35 10.35 -19.05
CA GLU A 114 -10.83 9.01 -19.33
C GLU A 114 -11.57 8.41 -18.14
N ALA A 115 -11.27 8.87 -16.94
CA ALA A 115 -11.93 8.38 -15.74
C ALA A 115 -13.34 8.94 -15.66
N LEU A 116 -13.48 10.21 -16.02
CA LEU A 116 -14.79 10.87 -15.99
C LEU A 116 -15.67 10.35 -17.12
N ALA A 117 -15.08 10.21 -18.31
CA ALA A 117 -15.81 9.70 -19.46
C ALA A 117 -16.31 8.31 -19.17
N LEU A 118 -15.47 7.50 -18.54
CA LEU A 118 -15.83 6.15 -18.17
C LEU A 118 -17.01 6.15 -17.18
N ALA A 119 -16.95 7.02 -16.19
CA ALA A 119 -17.97 7.09 -15.15
C ALA A 119 -19.32 7.58 -15.69
N GLU A 120 -19.27 8.39 -16.73
CA GLU A 120 -20.49 8.86 -17.37
C GLU A 120 -21.16 7.73 -18.17
N ARG A 121 -20.36 6.87 -18.76
N ARG A 121 -20.35 6.86 -18.74
CA ARG A 121 -20.90 5.73 -19.50
CA ARG A 121 -20.86 5.74 -19.52
C ARG A 121 -21.34 4.63 -18.56
C ARG A 121 -21.27 4.57 -18.62
N TRP A 122 -20.57 4.39 -17.51
CA TRP A 122 -20.82 3.27 -16.60
C TRP A 122 -21.80 3.63 -15.49
N LYS A 123 -21.85 4.90 -15.12
CA LYS A 123 -22.80 5.41 -14.14
C LYS A 123 -22.70 4.70 -12.79
N PRO A 124 -21.61 4.95 -12.06
CA PRO A 124 -21.46 4.41 -10.69
C PRO A 124 -22.31 5.15 -9.68
N ASP A 125 -22.70 4.43 -8.63
CA ASP A 125 -23.36 5.02 -7.49
C ASP A 125 -22.31 5.52 -6.51
N LEU A 126 -21.11 4.95 -6.62
CA LEU A 126 -20.10 5.12 -5.59
C LEU A 126 -18.71 5.07 -6.18
N VAL A 127 -17.79 5.87 -5.62
CA VAL A 127 -16.39 5.80 -5.98
C VAL A 127 -15.60 5.34 -4.76
N LEU A 128 -14.84 4.26 -4.93
CA LEU A 128 -13.90 3.80 -3.92
C LEU A 128 -12.47 4.12 -4.38
N THR A 129 -11.67 4.67 -3.49
CA THR A 129 -10.35 5.13 -3.88
C THR A 129 -9.36 5.12 -2.71
N GLU A 130 -8.09 5.34 -3.05
CA GLU A 130 -7.01 5.42 -2.08
C GLU A 130 -6.74 6.89 -1.76
N THR A 131 -6.37 7.18 -0.52
CA THR A 131 -6.31 8.57 -0.03
C THR A 131 -5.51 9.54 -0.91
N TYR A 132 -4.50 9.05 -1.62
CA TYR A 132 -3.70 9.92 -2.49
C TYR A 132 -4.10 9.82 -3.96
N SER A 133 -5.04 8.94 -4.28
CA SER A 133 -5.60 8.88 -5.62
C SER A 133 -6.74 9.89 -5.74
N LEU A 134 -6.39 11.13 -6.06
CA LEU A 134 -7.33 12.24 -6.01
C LEU A 134 -8.23 12.31 -7.25
N THR A 135 -8.02 11.39 -8.19
CA THR A 135 -8.90 11.30 -9.34
C THR A 135 -10.29 10.89 -8.87
N GLY A 136 -10.34 10.04 -7.85
CA GLY A 136 -11.59 9.57 -7.30
C GLY A 136 -12.51 10.70 -6.84
N PRO A 137 -12.11 11.43 -5.78
CA PRO A 137 -12.86 12.56 -5.25
C PRO A 137 -13.29 13.56 -6.33
N LEU A 138 -12.44 13.76 -7.34
CA LEU A 138 -12.75 14.69 -8.41
C LEU A 138 -13.91 14.17 -9.26
N VAL A 139 -13.79 12.95 -9.73
CA VAL A 139 -14.85 12.35 -10.55
C VAL A 139 -16.17 12.33 -9.77
N ALA A 140 -16.09 11.91 -8.51
CA ALA A 140 -17.26 11.89 -7.62
C ALA A 140 -17.89 13.27 -7.53
N ALA A 141 -17.08 14.27 -7.21
CA ALA A 141 -17.56 15.65 -7.08
C ALA A 141 -18.16 16.13 -8.39
N THR A 142 -17.63 15.62 -9.49
CA THR A 142 -18.08 16.05 -10.82
C THR A 142 -19.45 15.48 -11.17
N LEU A 143 -19.70 14.23 -10.76
CA LEU A 143 -20.97 13.57 -11.06
C LEU A 143 -21.97 13.72 -9.91
N GLY A 144 -21.53 14.31 -8.81
CA GLY A 144 -22.37 14.48 -7.65
C GLY A 144 -22.77 13.15 -7.02
N ILE A 145 -21.79 12.29 -6.77
CA ILE A 145 -22.03 11.01 -6.09
C ILE A 145 -21.05 10.86 -4.93
N PRO A 146 -21.42 10.07 -3.91
CA PRO A 146 -20.57 9.86 -2.74
C PRO A 146 -19.28 9.09 -3.09
N TRP A 147 -18.25 9.23 -2.26
CA TRP A 147 -17.03 8.46 -2.48
C TRP A 147 -16.47 7.95 -1.15
N ILE A 148 -15.68 6.89 -1.22
CA ILE A 148 -15.11 6.28 -0.04
C ILE A 148 -13.59 6.36 -0.11
N GLU A 149 -12.97 6.67 1.02
CA GLU A 149 -11.53 6.85 1.09
C GLU A 149 -10.92 5.75 1.94
N GLN A 150 -10.01 4.97 1.35
CA GLN A 150 -9.27 3.99 2.11
C GLN A 150 -7.79 4.37 2.23
N SER A 151 -7.28 4.34 3.45
CA SER A 151 -5.85 4.49 3.69
C SER A 151 -5.16 3.16 3.46
N ILE A 152 -4.05 3.19 2.74
CA ILE A 152 -3.28 1.98 2.46
C ILE A 152 -1.92 2.07 3.14
N ARG A 153 -1.84 2.93 4.17
CA ARG A 153 -0.59 3.23 4.86
C ARG A 153 -0.81 3.23 6.37
N LEU A 154 0.24 2.91 7.12
CA LEU A 154 0.19 3.02 8.56
C LEU A 154 -0.02 4.48 8.93
N ALA A 155 0.69 5.36 8.23
CA ALA A 155 0.59 6.79 8.48
C ALA A 155 0.58 7.55 7.16
N SER A 156 -0.44 8.38 6.98
CA SER A 156 -0.59 9.16 5.75
C SER A 156 -0.59 10.65 6.08
N PRO A 157 0.59 11.29 5.95
CA PRO A 157 0.72 12.73 6.19
C PRO A 157 -0.39 13.55 5.54
N GLU A 158 -1.02 14.44 6.30
CA GLU A 158 -2.05 15.31 5.76
C GLU A 158 -1.42 16.34 4.82
N LEU A 159 -0.11 16.51 4.95
CA LEU A 159 0.63 17.44 4.10
C LEU A 159 0.62 17.03 2.65
N ILE A 160 0.70 15.71 2.41
CA ILE A 160 0.67 15.19 1.05
C ILE A 160 -0.69 15.44 0.41
N LYS A 161 -1.74 15.05 1.13
CA LYS A 161 -3.10 15.23 0.65
C LYS A 161 -3.41 16.71 0.39
N SER A 162 -3.10 17.55 1.36
CA SER A 162 -3.42 18.98 1.25
C SER A 162 -2.62 19.65 0.14
N ALA A 163 -1.37 19.24 -0.02
CA ALA A 163 -0.54 19.79 -1.09
C ALA A 163 -1.12 19.36 -2.44
N GLY A 164 -1.73 18.18 -2.46
CA GLY A 164 -2.35 17.65 -3.67
C GLY A 164 -3.62 18.40 -4.03
N VAL A 165 -4.47 18.63 -3.03
CA VAL A 165 -5.69 19.39 -3.24
C VAL A 165 -5.35 20.78 -3.76
N GLY A 166 -4.32 21.39 -3.17
CA GLY A 166 -3.83 22.68 -3.61
C GLY A 166 -3.52 22.70 -5.10
N GLU A 167 -2.68 21.77 -5.53
CA GLU A 167 -2.28 21.67 -6.94
C GLU A 167 -3.49 21.56 -7.87
N LEU A 168 -4.61 21.04 -7.36
CA LEU A 168 -5.81 20.86 -8.17
C LEU A 168 -6.77 22.04 -8.06
N ALA A 169 -6.28 23.17 -7.54
CA ALA A 169 -7.14 24.32 -7.29
C ALA A 169 -7.97 24.72 -8.51
N PRO A 170 -7.35 24.81 -9.69
CA PRO A 170 -8.11 25.21 -10.88
C PRO A 170 -9.25 24.26 -11.25
N GLU A 171 -8.99 22.95 -11.24
CA GLU A 171 -10.00 21.98 -11.63
C GLU A 171 -11.20 21.98 -10.68
N LEU A 172 -10.96 22.30 -9.41
CA LEU A 172 -12.01 22.38 -8.42
C LEU A 172 -12.82 23.67 -8.60
N ALA A 173 -12.23 24.65 -9.25
CA ALA A 173 -12.91 25.92 -9.54
C ALA A 173 -13.93 25.72 -10.65
N GLU A 174 -13.61 24.85 -11.60
CA GLU A 174 -14.53 24.53 -12.69
C GLU A 174 -15.79 23.87 -12.13
N LEU A 175 -15.65 23.27 -10.97
CA LEU A 175 -16.77 22.65 -10.28
C LEU A 175 -17.43 23.61 -9.28
N GLY A 176 -16.84 24.79 -9.13
CA GLY A 176 -17.32 25.75 -8.15
C GLY A 176 -17.02 25.27 -6.74
N LEU A 177 -15.78 24.81 -6.54
CA LEU A 177 -15.36 24.26 -5.25
C LEU A 177 -13.93 24.70 -4.92
N THR A 178 -13.61 24.74 -3.63
CA THR A 178 -12.25 25.03 -3.20
C THR A 178 -11.62 23.79 -2.58
N ASP A 179 -12.45 22.80 -2.27
CA ASP A 179 -11.99 21.55 -1.68
C ASP A 179 -12.87 20.42 -2.21
N PHE A 180 -12.48 19.18 -1.94
CA PHE A 180 -13.29 18.03 -2.31
C PHE A 180 -14.38 17.83 -1.28
N PRO A 181 -15.58 17.45 -1.74
CA PRO A 181 -16.62 17.08 -0.78
C PRO A 181 -16.15 15.92 0.08
N ASP A 182 -16.58 15.87 1.33
CA ASP A 182 -16.09 14.84 2.24
C ASP A 182 -16.48 13.44 1.78
N PRO A 183 -15.62 12.46 2.10
CA PRO A 183 -15.94 11.07 1.76
C PRO A 183 -17.07 10.54 2.62
N LEU A 184 -17.88 9.65 2.06
CA LEU A 184 -18.93 8.96 2.81
C LEU A 184 -18.28 8.28 4.02
N LEU A 185 -17.26 7.48 3.75
CA LEU A 185 -16.45 6.85 4.78
C LEU A 185 -15.00 7.20 4.56
N SER A 186 -14.25 7.34 5.65
CA SER A 186 -12.81 7.50 5.56
C SER A 186 -12.17 6.41 6.39
N ILE A 187 -11.54 5.46 5.73
CA ILE A 187 -11.11 4.22 6.37
C ILE A 187 -9.64 4.23 6.74
N ASP A 188 -9.35 3.67 7.91
CA ASP A 188 -8.00 3.68 8.46
C ASP A 188 -7.62 2.29 8.92
N VAL A 189 -6.36 1.92 8.71
CA VAL A 189 -5.90 0.55 8.98
C VAL A 189 -4.82 0.48 10.06
N CYS A 190 -4.44 1.62 10.62
CA CYS A 190 -3.41 1.65 11.65
C CYS A 190 -3.97 1.08 12.96
N PRO A 191 -3.22 0.19 13.62
CA PRO A 191 -3.65 -0.31 14.94
C PRO A 191 -3.73 0.86 15.94
N PRO A 192 -4.85 0.98 16.67
CA PRO A 192 -5.11 2.07 17.62
C PRO A 192 -3.95 2.38 18.55
N SER A 193 -3.38 1.36 19.17
CA SER A 193 -2.32 1.55 20.16
C SER A 193 -1.03 2.06 19.53
N GLU A 195 -0.85 4.94 17.32
CA GLU A 195 -1.03 6.27 16.74
C GLU A 195 -1.11 7.34 17.81
N PRO A 200 -10.30 10.38 13.88
CA PRO A 200 -10.12 11.54 13.00
C PRO A 200 -11.26 11.68 12.01
N GLY A 201 -12.47 11.29 12.42
CA GLY A 201 -13.59 11.22 11.50
C GLY A 201 -13.47 9.96 10.65
N THR A 202 -12.71 8.99 11.15
CA THR A 202 -12.38 7.80 10.39
C THR A 202 -12.99 6.54 10.99
N THR A 203 -12.90 5.45 10.24
CA THR A 203 -13.41 4.16 10.66
C THR A 203 -12.31 3.13 10.54
N LYS A 204 -12.00 2.44 11.63
CA LYS A 204 -10.97 1.41 11.61
C LYS A 204 -11.38 0.24 10.73
N ARG A 206 -9.65 -3.81 9.54
N ARG A 206 -9.65 -3.80 9.54
CA ARG A 206 -8.58 -4.80 9.58
CA ARG A 206 -8.59 -4.79 9.57
C ARG A 206 -7.94 -4.93 8.20
C ARG A 206 -7.94 -4.89 8.19
N TYR A 207 -6.62 -4.89 8.16
CA TYR A 207 -5.88 -5.00 6.91
C TYR A 207 -5.76 -6.46 6.48
N VAL A 208 -6.44 -6.81 5.40
CA VAL A 208 -6.30 -8.13 4.81
C VAL A 208 -5.25 -8.06 3.70
N PRO A 209 -4.15 -8.81 3.85
CA PRO A 209 -3.06 -8.70 2.88
C PRO A 209 -3.41 -9.22 1.49
N TYR A 210 -3.06 -8.44 0.47
CA TYR A 210 -3.02 -8.97 -0.89
C TYR A 210 -1.73 -8.54 -1.58
N ASN A 211 -0.85 -9.51 -1.81
CA ASN A 211 0.42 -9.25 -2.45
C ASN A 211 0.62 -10.14 -3.66
N GLY A 212 -0.41 -10.92 -4.00
CA GLY A 212 -0.27 -12.04 -4.91
C GLY A 212 -0.26 -11.68 -6.39
N ARG A 213 0.34 -12.56 -7.19
CA ARG A 213 0.09 -12.60 -8.64
C ARG A 213 -0.17 -14.05 -9.01
N ASN A 214 0.89 -14.79 -9.34
CA ASN A 214 0.80 -16.22 -9.52
C ASN A 214 1.11 -16.92 -8.20
N ASP A 215 1.18 -18.24 -8.18
CA ASP A 215 1.22 -18.95 -6.91
C ASP A 215 1.53 -20.43 -6.99
N GLN A 216 2.20 -20.91 -5.95
CA GLN A 216 2.12 -22.28 -5.51
C GLN A 216 2.83 -22.30 -4.17
N VAL A 217 2.06 -22.11 -3.10
CA VAL A 217 2.61 -22.05 -1.75
C VAL A 217 3.69 -23.12 -1.63
N PRO A 218 4.97 -22.72 -1.79
CA PRO A 218 6.05 -23.69 -1.96
C PRO A 218 6.10 -24.74 -0.85
N SER A 219 6.76 -25.85 -1.13
CA SER A 219 6.83 -26.98 -0.21
C SER A 219 7.13 -26.52 1.22
N TRP A 220 8.35 -26.04 1.42
CA TRP A 220 8.87 -25.72 2.75
C TRP A 220 7.93 -24.88 3.63
N VAL A 221 7.02 -24.14 3.03
CA VAL A 221 6.10 -23.32 3.81
C VAL A 221 5.20 -24.16 4.70
N PHE A 222 4.80 -25.33 4.20
CA PHE A 222 3.91 -26.22 4.94
C PHE A 222 4.68 -27.20 5.81
N GLU A 223 5.98 -27.37 5.54
CA GLU A 223 6.81 -28.28 6.33
C GLU A 223 7.42 -27.57 7.54
N GLU A 224 8.29 -28.26 8.26
CA GLU A 224 8.87 -27.74 9.50
C GLU A 224 9.96 -26.70 9.27
N ARG A 225 10.21 -25.90 10.29
CA ARG A 225 11.33 -24.96 10.29
C ARG A 225 12.37 -25.43 11.30
N LYS A 226 13.51 -25.91 10.80
CA LYS A 226 14.55 -26.45 11.67
C LYS A 226 15.48 -25.36 12.22
N GLN A 227 15.25 -24.10 11.83
CA GLN A 227 16.05 -22.99 12.32
C GLN A 227 15.39 -21.66 11.98
N PRO A 228 15.82 -20.58 12.66
CA PRO A 228 15.31 -19.23 12.40
C PRO A 228 15.31 -18.88 10.92
N ARG A 229 14.17 -18.44 10.40
CA ARG A 229 14.06 -18.13 8.97
C ARG A 229 13.86 -16.64 8.74
N LEU A 230 14.54 -16.11 7.72
CA LEU A 230 14.45 -14.70 7.41
C LEU A 230 14.10 -14.49 5.93
N CYS A 231 13.20 -13.55 5.68
CA CYS A 231 12.76 -13.25 4.32
C CYS A 231 13.22 -11.85 3.93
N LEU A 232 13.70 -11.69 2.69
CA LEU A 232 14.40 -10.46 2.30
C LEU A 232 13.60 -9.50 1.42
N THR A 233 12.83 -10.03 0.47
CA THR A 233 12.05 -9.19 -0.44
C THR A 233 12.76 -7.90 -0.85
N LEU A 250 28.71 -5.57 -6.00
CA LEU A 250 27.85 -4.47 -6.40
C LEU A 250 26.39 -4.83 -6.15
N SER A 251 26.12 -5.36 -4.96
CA SER A 251 24.97 -6.23 -4.74
C SER A 251 23.78 -5.63 -3.97
N LEU A 252 23.94 -5.47 -2.67
CA LEU A 252 22.85 -5.18 -1.73
C LEU A 252 21.90 -6.37 -1.54
N LEU A 253 21.10 -6.70 -2.55
CA LEU A 253 20.23 -7.87 -2.44
C LEU A 253 21.08 -9.13 -2.38
N GLN A 254 22.09 -9.20 -3.25
CA GLN A 254 22.99 -10.34 -3.27
C GLN A 254 23.93 -10.30 -2.07
N ALA A 255 24.17 -9.11 -1.53
CA ALA A 255 25.12 -8.94 -0.43
C ALA A 255 24.46 -9.38 0.87
N LEU A 256 23.28 -8.84 1.15
CA LEU A 256 22.51 -9.25 2.32
C LEU A 256 22.20 -10.73 2.24
N SER A 257 22.13 -11.26 1.02
CA SER A 257 21.82 -12.67 0.82
C SER A 257 22.95 -13.60 1.26
N GLN A 258 24.19 -13.11 1.20
CA GLN A 258 25.34 -13.93 1.58
C GLN A 258 25.73 -13.75 3.03
N GLU A 259 25.60 -12.52 3.53
CA GLU A 259 26.06 -12.20 4.89
C GLU A 259 25.05 -12.63 5.96
N LEU A 260 23.76 -12.55 5.63
CA LEU A 260 22.72 -12.74 6.64
C LEU A 260 22.65 -14.16 7.22
N PRO A 261 22.90 -15.18 6.39
CA PRO A 261 22.89 -16.55 6.95
C PRO A 261 23.95 -16.76 8.04
N LYS A 262 24.96 -15.91 8.06
CA LYS A 262 26.05 -16.05 9.02
C LYS A 262 25.64 -15.64 10.43
N LEU A 263 24.49 -14.99 10.54
CA LEU A 263 23.93 -14.64 11.85
C LEU A 263 23.09 -15.77 12.42
N GLY A 264 22.99 -16.87 11.68
CA GLY A 264 22.24 -18.02 12.13
C GLY A 264 20.87 -18.11 11.48
N PHE A 265 20.72 -17.48 10.32
CA PHE A 265 19.45 -17.49 9.61
C PHE A 265 19.50 -18.42 8.40
N GLU A 266 18.34 -19.00 8.08
CA GLU A 266 18.13 -19.58 6.75
C GLU A 266 17.32 -18.57 5.95
N VAL A 267 17.85 -18.13 4.82
CA VAL A 267 17.28 -17.00 4.09
C VAL A 267 16.48 -17.41 2.87
N VAL A 268 15.26 -16.88 2.73
CA VAL A 268 14.52 -16.98 1.49
C VAL A 268 14.37 -15.58 0.92
N VAL A 269 14.51 -15.45 -0.39
CA VAL A 269 14.46 -14.14 -1.02
C VAL A 269 13.28 -14.04 -1.98
N ALA A 270 12.22 -13.37 -1.52
CA ALA A 270 11.00 -13.24 -2.31
C ALA A 270 11.07 -12.02 -3.22
N VAL A 271 11.58 -12.21 -4.43
CA VAL A 271 11.65 -11.14 -5.41
C VAL A 271 11.36 -11.68 -6.81
N SER A 272 11.38 -10.81 -7.80
CA SER A 272 11.15 -11.21 -9.19
C SER A 272 12.46 -11.58 -9.87
N ASP A 273 13.44 -10.68 -9.79
CA ASP A 273 14.77 -10.88 -10.37
C ASP A 273 15.71 -11.59 -9.40
N LEU A 282 22.28 -18.53 -5.43
CA LEU A 282 22.47 -19.80 -4.73
C LEU A 282 23.44 -19.73 -3.56
N PRO A 283 23.61 -18.55 -2.93
CA PRO A 283 24.55 -18.57 -1.82
C PRO A 283 24.08 -19.56 -0.77
N GLU A 284 25.01 -20.11 0.02
CA GLU A 284 24.75 -21.33 0.76
C GLU A 284 23.53 -21.25 1.67
N GLY A 285 23.44 -20.20 2.47
CA GLY A 285 22.43 -20.12 3.50
C GLY A 285 21.03 -19.74 3.04
N VAL A 286 20.87 -19.50 1.73
CA VAL A 286 19.57 -19.12 1.21
C VAL A 286 18.86 -20.35 0.64
N LEU A 287 17.59 -20.52 1.00
CA LEU A 287 16.84 -21.71 0.62
C LEU A 287 16.12 -21.56 -0.71
N ALA A 288 15.65 -20.36 -1.01
CA ALA A 288 14.71 -20.17 -2.12
C ALA A 288 15.01 -18.95 -2.97
N ALA A 289 14.59 -18.99 -4.23
CA ALA A 289 14.87 -17.93 -5.18
C ALA A 289 13.70 -17.70 -6.13
N GLY A 290 13.00 -16.59 -5.93
CA GLY A 290 11.91 -16.23 -6.82
C GLY A 290 10.75 -15.56 -6.10
N GLN A 291 9.79 -15.06 -6.88
CA GLN A 291 8.63 -14.40 -6.33
C GLN A 291 7.71 -15.41 -5.64
N PHE A 292 7.39 -15.13 -4.39
CA PHE A 292 6.51 -16.02 -3.62
C PHE A 292 5.28 -15.26 -3.14
N PRO A 293 4.17 -15.99 -2.91
CA PRO A 293 3.00 -15.35 -2.30
C PRO A 293 3.38 -14.85 -0.91
N LEU A 294 3.75 -13.57 -0.82
CA LEU A 294 4.35 -13.03 0.39
C LEU A 294 3.45 -13.25 1.60
N SER A 295 2.14 -13.08 1.42
CA SER A 295 1.17 -13.29 2.49
C SER A 295 1.00 -14.75 2.89
N ALA A 296 1.43 -15.66 2.02
CA ALA A 296 1.29 -17.10 2.30
C ALA A 296 2.59 -17.70 2.82
N ILE A 297 3.70 -17.04 2.51
CA ILE A 297 5.03 -17.46 2.96
C ILE A 297 5.31 -16.90 4.35
N PRO A 299 3.88 -16.90 7.36
CA PRO A 299 3.85 -17.75 8.56
C PRO A 299 5.12 -18.58 8.73
N ALA A 300 5.84 -18.82 7.64
CA ALA A 300 6.96 -19.74 7.65
C ALA A 300 8.30 -19.08 8.03
N CYS A 301 8.27 -17.92 8.66
CA CYS A 301 9.52 -17.25 9.02
C CYS A 301 9.41 -16.35 10.25
N ASP A 302 10.56 -15.92 10.75
CA ASP A 302 10.64 -15.23 12.03
C ASP A 302 11.17 -13.80 11.92
N VAL A 303 11.72 -13.46 10.75
CA VAL A 303 12.20 -12.09 10.52
C VAL A 303 11.99 -11.72 9.05
N VAL A 304 11.59 -10.48 8.81
CA VAL A 304 11.54 -9.97 7.45
C VAL A 304 12.36 -8.69 7.34
N VAL A 305 13.25 -8.64 6.36
CA VAL A 305 14.02 -7.44 6.06
C VAL A 305 13.51 -6.88 4.75
N HIS A 306 13.18 -5.59 4.70
CA HIS A 306 12.56 -5.06 3.48
C HIS A 306 12.70 -3.55 3.30
N HIS A 307 12.18 -3.09 2.17
CA HIS A 307 12.40 -1.74 1.68
C HIS A 307 11.56 -0.66 2.36
N GLY A 308 10.70 -1.04 3.29
CA GLY A 308 9.83 -0.09 3.97
C GLY A 308 8.51 0.20 3.27
N GLY A 309 8.16 -0.63 2.28
CA GLY A 309 6.91 -0.47 1.56
C GLY A 309 5.69 -0.55 2.46
N HIS A 310 4.60 0.09 2.04
CA HIS A 310 3.39 0.16 2.87
C HIS A 310 2.71 -1.20 3.01
N GLY A 311 2.63 -1.94 1.91
CA GLY A 311 1.95 -3.22 1.89
C GLY A 311 2.73 -4.28 2.65
N THR A 312 4.03 -4.31 2.43
CA THR A 312 4.89 -5.27 3.11
C THR A 312 4.86 -5.05 4.62
N THR A 313 4.90 -3.79 5.03
CA THR A 313 4.87 -3.43 6.44
C THR A 313 3.60 -3.96 7.08
N LEU A 314 2.45 -3.60 6.51
CA LEU A 314 1.17 -4.00 7.05
C LEU A 314 0.97 -5.51 6.99
N THR A 315 1.57 -6.15 5.99
CA THR A 315 1.48 -7.60 5.87
C THR A 315 2.19 -8.26 7.04
N CYS A 316 3.42 -7.82 7.32
CA CYS A 316 4.21 -8.32 8.44
C CYS A 316 3.52 -8.08 9.78
N LEU A 317 3.02 -6.87 9.97
CA LEU A 317 2.27 -6.54 11.17
C LEU A 317 1.10 -7.49 11.38
N SER A 318 0.29 -7.69 10.35
CA SER A 318 -0.92 -8.49 10.48
C SER A 318 -0.61 -9.96 10.72
N GLU A 319 0.60 -10.38 10.34
CA GLU A 319 1.03 -11.75 10.56
C GLU A 319 1.94 -11.88 11.79
N GLY A 320 2.15 -10.78 12.50
CA GLY A 320 2.91 -10.81 13.74
C GLY A 320 4.34 -11.25 13.57
N VAL A 321 5.00 -10.72 12.54
CA VAL A 321 6.39 -11.05 12.26
C VAL A 321 7.25 -9.78 12.36
N PRO A 322 8.26 -9.79 13.26
CA PRO A 322 9.12 -8.61 13.43
C PRO A 322 9.86 -8.24 12.14
N GLN A 323 10.05 -6.94 11.92
CA GLN A 323 10.56 -6.44 10.66
C GLN A 323 11.82 -5.61 10.82
N VAL A 324 12.73 -5.75 9.86
CA VAL A 324 13.81 -4.79 9.71
C VAL A 324 13.50 -3.98 8.46
N SER A 325 13.15 -2.71 8.68
CA SER A 325 12.79 -1.83 7.59
C SER A 325 13.95 -0.91 7.21
N VAL A 326 14.33 -0.93 5.93
CA VAL A 326 15.31 0.01 5.41
C VAL A 326 14.63 0.93 4.41
N PRO A 327 13.92 1.95 4.93
CA PRO A 327 13.03 2.80 4.12
C PRO A 327 13.76 3.56 3.01
N VAL A 328 13.06 3.80 1.91
CA VAL A 328 13.62 4.51 0.77
C VAL A 328 12.72 5.69 0.41
N ILE A 329 11.52 5.37 -0.09
CA ILE A 329 10.54 6.38 -0.46
C ILE A 329 10.18 7.22 0.76
N ALA A 330 9.92 8.50 0.54
CA ALA A 330 9.76 9.44 1.67
C ALA A 330 8.41 9.33 2.38
N GLU A 331 7.36 9.01 1.64
CA GLU A 331 6.02 8.89 2.21
C GLU A 331 5.86 7.67 3.12
N VAL A 332 6.89 6.84 3.18
CA VAL A 332 6.88 5.66 4.04
C VAL A 332 7.66 5.90 5.32
N TRP A 333 8.32 7.04 5.40
CA TRP A 333 9.11 7.41 6.58
C TRP A 333 8.28 7.33 7.87
N ASP A 334 7.08 7.88 7.82
CA ASP A 334 6.22 7.98 8.99
C ASP A 334 5.81 6.61 9.53
N SER A 335 5.59 5.66 8.62
CA SER A 335 5.16 4.32 9.02
C SER A 335 6.30 3.52 9.66
N ALA A 336 7.53 3.79 9.24
CA ALA A 336 8.69 3.10 9.81
C ALA A 336 9.00 3.63 11.20
N ARG A 337 8.75 4.93 11.42
CA ARG A 337 8.92 5.53 12.73
C ARG A 337 7.92 4.92 13.71
N LEU A 338 6.65 4.95 13.34
CA LEU A 338 5.59 4.34 14.13
C LEU A 338 5.97 2.91 14.49
N LEU A 339 6.50 2.19 13.51
CA LEU A 339 6.87 0.79 13.68
C LEU A 339 8.00 0.63 14.71
N HIS A 340 9.01 1.48 14.60
CA HIS A 340 10.16 1.42 15.48
C HIS A 340 9.78 1.70 16.93
N ALA A 341 8.93 2.70 17.14
CA ALA A 341 8.49 3.11 18.46
C ALA A 341 7.66 2.02 19.15
N ALA A 342 6.93 1.25 18.35
CA ALA A 342 6.07 0.20 18.88
C ALA A 342 6.87 -1.05 19.26
N GLY A 343 8.15 -1.08 18.91
CA GLY A 343 9.02 -2.18 19.27
C GLY A 343 8.77 -3.43 18.44
N ALA A 344 8.05 -3.28 17.33
CA ALA A 344 7.70 -4.42 16.49
C ALA A 344 8.75 -4.68 15.42
N GLY A 345 9.70 -3.76 15.27
CA GLY A 345 10.75 -3.91 14.29
C GLY A 345 11.79 -2.81 14.40
N VAL A 346 12.81 -2.88 13.56
CA VAL A 346 13.85 -1.85 13.57
C VAL A 346 13.88 -1.07 12.26
N GLU A 347 13.88 0.25 12.38
CA GLU A 347 14.04 1.13 11.23
C GLU A 347 15.53 1.43 11.05
N VAL A 348 16.08 1.02 9.91
CA VAL A 348 17.46 1.38 9.58
C VAL A 348 17.44 2.47 8.51
N PRO A 349 17.75 3.71 8.91
CA PRO A 349 17.64 4.89 8.04
C PRO A 349 18.26 4.67 6.65
N SER A 357 24.97 -3.08 9.83
CA SER A 357 23.94 -2.11 10.17
C SER A 357 22.55 -2.70 10.01
N VAL A 358 22.30 -3.32 8.85
CA VAL A 358 21.09 -4.12 8.68
C VAL A 358 21.30 -5.45 9.39
N LEU A 359 22.54 -5.93 9.36
CA LEU A 359 22.90 -7.16 10.05
C LEU A 359 22.69 -7.00 11.54
N ALA A 360 23.05 -5.84 12.06
CA ALA A 360 22.93 -5.56 13.49
C ALA A 360 21.48 -5.70 13.93
N ALA A 361 20.56 -5.10 13.16
CA ALA A 361 19.14 -5.12 13.48
C ALA A 361 18.59 -6.54 13.54
N CYS A 362 19.03 -7.37 12.60
CA CYS A 362 18.56 -8.75 12.53
C CYS A 362 19.03 -9.56 13.74
N ALA A 363 20.30 -9.38 14.11
CA ALA A 363 20.86 -10.08 15.27
C ALA A 363 20.18 -9.60 16.55
N ARG A 364 19.90 -8.30 16.60
CA ARG A 364 19.22 -7.69 17.73
C ARG A 364 17.83 -8.32 17.92
N ILE A 365 17.11 -8.48 16.82
CA ILE A 365 15.78 -9.07 16.83
C ILE A 365 15.88 -10.58 17.09
N ARG A 366 16.92 -11.18 16.54
CA ARG A 366 17.15 -12.62 16.67
C ARG A 366 17.38 -13.02 18.13
N ASP A 367 17.81 -12.07 18.94
CA ASP A 367 18.15 -12.35 20.34
C ASP A 367 17.12 -11.76 21.31
N ASP A 368 16.54 -10.63 20.94
CA ASP A 368 15.57 -9.95 21.81
C ASP A 368 14.14 -10.37 21.45
N SER A 369 13.50 -11.10 22.36
CA SER A 369 12.17 -11.66 22.10
C SER A 369 11.05 -10.62 22.24
N SER A 370 11.41 -9.40 22.61
CA SER A 370 10.43 -8.33 22.80
C SER A 370 9.91 -7.85 21.45
N TYR A 371 10.56 -8.26 20.38
CA TYR A 371 10.18 -7.84 19.03
C TYR A 371 9.08 -8.71 18.45
N VAL A 372 9.23 -10.03 18.55
CA VAL A 372 8.16 -10.93 18.16
C VAL A 372 6.93 -10.62 19.02
N GLY A 373 7.16 -10.47 20.32
CA GLY A 373 6.08 -10.18 21.26
C GLY A 373 5.26 -8.97 20.84
N ASN A 374 5.94 -7.87 20.55
CA ASN A 374 5.26 -6.66 20.08
C ASN A 374 4.56 -6.86 18.73
N ALA A 375 5.23 -7.55 17.80
CA ALA A 375 4.67 -7.82 16.48
C ALA A 375 3.37 -8.61 16.62
N ARG A 376 3.40 -9.63 17.47
CA ARG A 376 2.23 -10.48 17.68
C ARG A 376 1.14 -9.73 18.43
N ARG A 377 1.52 -8.83 19.33
CA ARG A 377 0.56 -8.00 20.04
C ARG A 377 -0.22 -7.13 19.04
N LEU A 378 0.50 -6.54 18.10
CA LEU A 378 -0.10 -5.66 17.10
C LEU A 378 -0.97 -6.45 16.12
N ALA A 379 -0.48 -7.61 15.69
CA ALA A 379 -1.27 -8.49 14.85
C ALA A 379 -2.58 -8.83 15.53
N ALA A 380 -2.50 -9.20 16.81
CA ALA A 380 -3.68 -9.56 17.58
C ALA A 380 -4.63 -8.38 17.71
N GLU A 381 -4.08 -7.17 17.82
CA GLU A 381 -4.89 -5.96 17.92
C GLU A 381 -5.63 -5.70 16.60
N ALA A 383 -6.44 -7.86 14.46
CA ALA A 383 -7.40 -8.95 14.27
C ALA A 383 -8.77 -8.66 14.91
N THR A 384 -8.81 -7.69 15.82
CA THR A 384 -10.08 -7.34 16.47
C THR A 384 -10.84 -6.28 15.68
N LEU A 385 -10.18 -5.69 14.68
CA LEU A 385 -10.78 -4.59 13.93
C LEU A 385 -11.82 -5.14 12.94
N PRO A 386 -12.77 -4.29 12.53
CA PRO A 386 -13.80 -4.68 11.57
C PRO A 386 -13.17 -5.15 10.26
N THR A 387 -13.60 -6.30 9.75
CA THR A 387 -13.10 -6.81 8.48
C THR A 387 -13.65 -6.00 7.32
N PRO A 388 -13.03 -6.12 6.13
CA PRO A 388 -13.57 -5.53 4.90
C PRO A 388 -15.04 -5.88 4.67
N ALA A 389 -15.44 -7.10 5.02
CA ALA A 389 -16.84 -7.50 4.90
C ALA A 389 -17.71 -6.66 5.83
N ASP A 390 -17.21 -6.39 7.03
CA ASP A 390 -17.92 -5.55 7.99
C ASP A 390 -18.10 -4.14 7.42
N ILE A 391 -17.04 -3.59 6.83
CA ILE A 391 -17.06 -2.25 6.27
C ILE A 391 -18.06 -2.09 5.13
N VAL A 392 -18.25 -3.16 4.36
CA VAL A 392 -19.21 -3.13 3.26
C VAL A 392 -20.63 -2.89 3.80
N ARG A 393 -20.94 -3.54 4.93
CA ARG A 393 -22.24 -3.35 5.57
C ARG A 393 -22.42 -1.90 5.98
N LEU A 394 -21.35 -1.31 6.51
CA LEU A 394 -21.36 0.12 6.85
C LEU A 394 -21.67 0.94 5.60
N ILE A 395 -20.93 0.68 4.53
CA ILE A 395 -21.06 1.44 3.29
C ILE A 395 -22.49 1.43 2.77
N GLU A 396 -23.12 0.26 2.82
CA GLU A 396 -24.45 0.09 2.24
C GLU A 396 -25.57 0.63 3.13
N GLN A 397 -25.21 1.31 4.21
CA GLN A 397 -26.19 2.00 5.05
C GLN A 397 -25.88 3.49 5.14
#